data_4MOD
#
_entry.id   4MOD
#
_cell.length_a   42.816
_cell.length_b   42.816
_cell.length_c   75.566
_cell.angle_alpha   90.00
_cell.angle_beta   90.00
_cell.angle_gamma   120.00
#
_symmetry.space_group_name_H-M   'P 3'
#
loop_
_entity.id
_entity.type
_entity.pdbx_description
1 polymer 'HR1 of S protein, LINKER, HR2 of S protein'
2 water water
#
_entity_poly.entity_id   1
_entity_poly.type   'polypeptide(L)'
_entity_poly.pdbx_seq_one_letter_code
;MENQKLIANKFNQALGAMQTGFTTTNEAFQKVQDAVNNNAQALSKLASELSNTFGAISASIGDILVPRGSGGSGGSGGLE
VLFQGPLTQINTTLLDLTYEMLSLQQVVKALNESYIDLKELLEHHHHHH
;
_entity_poly.pdbx_strand_id   A,B
#
# COMPACT_ATOMS: atom_id res chain seq x y z
N ASN A 3 -27.91 6.42 -45.05
CA ASN A 3 -26.90 6.66 -44.03
C ASN A 3 -27.27 7.77 -43.04
N GLN A 4 -27.67 7.32 -41.85
CA GLN A 4 -27.75 8.12 -40.63
C GLN A 4 -27.76 6.96 -39.67
N LYS A 5 -28.40 5.90 -40.15
CA LYS A 5 -28.41 4.58 -39.52
C LYS A 5 -27.02 3.93 -39.57
N LEU A 6 -26.27 4.17 -40.64
CA LEU A 6 -24.93 3.61 -40.74
C LEU A 6 -23.96 4.34 -39.81
N ILE A 7 -24.15 5.65 -39.66
CA ILE A 7 -23.36 6.44 -38.71
C ILE A 7 -23.59 5.95 -37.28
N ALA A 8 -24.86 5.82 -36.90
CA ALA A 8 -25.22 5.35 -35.57
C ALA A 8 -24.68 3.95 -35.28
N ASN A 9 -24.67 3.10 -36.31
CA ASN A 9 -24.13 1.74 -36.16
C ASN A 9 -22.63 1.73 -35.90
N LYS A 10 -21.91 2.53 -36.66
CA LYS A 10 -20.46 2.63 -36.51
C LYS A 10 -20.10 3.25 -35.16
N PHE A 11 -20.86 4.25 -34.75
CA PHE A 11 -20.68 4.87 -33.44
C PHE A 11 -20.91 3.90 -32.28
N ASN A 12 -22.04 3.21 -32.26
CA ASN A 12 -22.25 2.16 -31.26
C ASN A 12 -21.14 1.10 -31.27
N GLN A 13 -20.72 0.72 -32.46
CA GLN A 13 -19.67 -0.27 -32.63
C GLN A 13 -18.36 0.25 -32.01
N ALA A 14 -18.03 1.50 -32.28
CA ALA A 14 -16.83 2.11 -31.71
C ALA A 14 -16.93 2.21 -30.19
N LEU A 15 -18.10 2.57 -29.68
CA LEU A 15 -18.33 2.67 -28.24
C LEU A 15 -18.01 1.36 -27.55
N GLY A 16 -18.43 0.25 -28.16
CA GLY A 16 -18.15 -1.08 -27.61
C GLY A 16 -16.65 -1.35 -27.51
N ALA A 17 -15.92 -0.97 -28.54
CA ALA A 17 -14.47 -1.09 -28.55
C ALA A 17 -13.83 -0.19 -27.49
N MET A 18 -14.34 1.04 -27.32
CA MET A 18 -13.83 1.96 -26.30
CA MET A 18 -13.77 1.94 -26.32
C MET A 18 -13.98 1.39 -24.91
N GLN A 19 -15.15 0.79 -24.67
CA GLN A 19 -15.44 0.26 -23.35
C GLN A 19 -14.52 -0.90 -23.03
N THR A 20 -14.29 -1.76 -24.02
CA THR A 20 -13.38 -2.89 -23.83
C THR A 20 -11.97 -2.41 -23.54
N GLY A 21 -11.52 -1.39 -24.27
CA GLY A 21 -10.18 -0.86 -24.09
C GLY A 21 -9.92 -0.34 -22.68
N PHE A 22 -10.86 0.44 -22.15
CA PHE A 22 -10.70 1.00 -20.79
C PHE A 22 -10.89 -0.04 -19.69
N THR A 23 -11.79 -0.98 -19.91
CA THR A 23 -11.94 -2.12 -18.99
C THR A 23 -10.64 -2.91 -18.91
N THR A 24 -10.07 -3.20 -20.08
CA THR A 24 -8.83 -3.97 -20.18
C THR A 24 -7.68 -3.18 -19.56
N THR A 25 -7.62 -1.89 -19.85
CA THR A 25 -6.61 -1.04 -19.24
C THR A 25 -6.72 -1.06 -17.72
N ASN A 26 -7.94 -0.94 -17.21
CA ASN A 26 -8.20 -0.98 -15.77
C ASN A 26 -7.73 -2.31 -15.16
N GLU A 27 -8.04 -3.41 -15.83
CA GLU A 27 -7.58 -4.73 -15.39
C GLU A 27 -6.05 -4.85 -15.37
N ALA A 28 -5.40 -4.27 -16.36
CA ALA A 28 -3.94 -4.33 -16.42
C ALA A 28 -3.34 -3.51 -15.29
N PHE A 29 -3.91 -2.35 -15.01
CA PHE A 29 -3.35 -1.52 -13.93
C PHE A 29 -3.47 -2.21 -12.58
N GLN A 30 -4.56 -2.95 -12.38
CA GLN A 30 -4.71 -3.69 -11.12
C GLN A 30 -3.58 -4.70 -10.97
N LYS A 31 -3.29 -5.43 -12.03
CA LYS A 31 -2.20 -6.40 -11.99
C LYS A 31 -0.84 -5.74 -11.77
N VAL A 32 -0.63 -4.59 -12.40
CA VAL A 32 0.63 -3.87 -12.23
C VAL A 32 0.79 -3.43 -10.78
N GLN A 33 -0.30 -2.95 -10.19
CA GLN A 33 -0.25 -2.49 -8.80
C GLN A 33 0.12 -3.63 -7.89
N ASP A 34 -0.51 -4.78 -8.11
CA ASP A 34 -0.31 -5.93 -7.23
C ASP A 34 1.13 -6.41 -7.34
N ALA A 35 1.66 -6.46 -8.56
CA ALA A 35 3.02 -6.98 -8.75
C ALA A 35 4.06 -6.02 -8.16
N VAL A 36 3.92 -4.74 -8.48
CA VAL A 36 4.86 -3.75 -7.96
C VAL A 36 4.87 -3.74 -6.44
N ASN A 37 3.68 -3.78 -5.83
CA ASN A 37 3.61 -3.74 -4.36
C ASN A 37 4.11 -5.02 -3.70
N ASN A 38 3.81 -6.17 -4.30
CA ASN A 38 4.34 -7.44 -3.78
C ASN A 38 5.86 -7.43 -3.80
N ASN A 39 6.43 -6.92 -4.88
CA ASN A 39 7.88 -6.93 -5.05
C ASN A 39 8.57 -5.85 -4.22
N ALA A 40 7.83 -4.79 -3.90
CA ALA A 40 8.34 -3.78 -2.97
C ALA A 40 8.39 -4.36 -1.56
N GLN A 41 7.38 -5.10 -1.16
CA GLN A 41 7.37 -5.70 0.16
C GLN A 41 8.42 -6.78 0.27
N ALA A 42 8.64 -7.52 -0.81
CA ALA A 42 9.70 -8.53 -0.82
C ALA A 42 11.08 -7.90 -0.65
N LEU A 43 11.27 -6.75 -1.28
CA LEU A 43 12.53 -6.02 -1.18
C LEU A 43 12.74 -5.52 0.25
N SER A 44 11.70 -4.96 0.84
CA SER A 44 11.77 -4.46 2.23
C SER A 44 12.12 -5.59 3.20
N LYS A 45 11.50 -6.74 3.00
CA LYS A 45 11.77 -7.90 3.84
C LYS A 45 13.20 -8.37 3.69
N LEU A 46 13.69 -8.42 2.45
CA LEU A 46 15.08 -8.86 2.20
C LEU A 46 16.06 -7.89 2.87
N ALA A 47 15.75 -6.60 2.76
CA ALA A 47 16.61 -5.58 3.33
C ALA A 47 16.73 -5.73 4.85
N SER A 48 15.66 -6.19 5.48
CA SER A 48 15.66 -6.30 6.94
C SER A 48 16.50 -7.48 7.40
N GLU A 49 16.79 -8.39 6.48
CA GLU A 49 17.48 -9.64 6.82
C GLU A 49 19.00 -9.58 6.72
N GLN A 89 18.67 1.66 2.44
CA GLN A 89 18.36 2.85 3.12
C GLN A 89 17.41 2.47 4.19
N ILE A 90 16.19 2.09 3.80
CA ILE A 90 15.80 1.80 2.42
C ILE A 90 14.44 2.43 2.11
N ASN A 91 14.34 2.99 0.93
CA ASN A 91 13.18 3.81 0.56
C ASN A 91 12.42 3.22 -0.62
N THR A 92 11.55 2.26 -0.35
CA THR A 92 10.68 1.71 -1.39
C THR A 92 9.36 2.45 -1.42
N THR A 93 8.66 2.39 -2.55
CA THR A 93 7.39 3.07 -2.71
C THR A 93 6.29 2.11 -3.12
N LEU A 94 5.10 2.31 -2.57
CA LEU A 94 3.96 1.51 -2.95
C LEU A 94 3.16 2.25 -4.01
N LEU A 95 2.54 1.49 -4.89
CA LEU A 95 1.65 2.03 -5.89
C LEU A 95 0.26 2.00 -5.34
N ASP A 96 -0.43 3.14 -5.43
CA ASP A 96 -1.87 3.14 -5.21
C ASP A 96 -2.59 3.85 -6.34
N LEU A 97 -3.35 3.07 -7.08
CA LEU A 97 -4.04 3.57 -8.26
C LEU A 97 -5.53 3.51 -8.00
N THR A 98 -5.92 3.60 -6.73
CA THR A 98 -7.34 3.54 -6.40
C THR A 98 -8.15 4.56 -7.18
N TYR A 99 -7.69 5.80 -7.20
CA TYR A 99 -8.45 6.84 -7.89
C TYR A 99 -8.56 6.54 -9.38
N GLU A 100 -7.42 6.20 -9.98
CA GLU A 100 -7.38 5.96 -11.42
C GLU A 100 -8.25 4.77 -11.86
N MET A 101 -8.25 3.70 -11.08
CA MET A 101 -9.01 2.52 -11.44
C MET A 101 -10.51 2.77 -11.30
N LEU A 102 -10.90 3.48 -10.25
CA LEU A 102 -12.31 3.85 -10.10
C LEU A 102 -12.75 4.80 -11.21
N SER A 103 -11.84 5.69 -11.59
N SER A 103 -11.84 5.70 -11.60
CA SER A 103 -12.11 6.65 -12.66
CA SER A 103 -12.13 6.64 -12.68
C SER A 103 -12.32 5.95 -14.01
C SER A 103 -12.34 5.93 -14.01
N LEU A 104 -11.52 4.92 -14.26
CA LEU A 104 -11.66 4.15 -15.50
C LEU A 104 -12.99 3.41 -15.52
N GLN A 105 -13.37 2.86 -14.36
CA GLN A 105 -14.69 2.22 -14.24
C GLN A 105 -15.84 3.18 -14.55
N GLN A 106 -15.73 4.41 -14.06
CA GLN A 106 -16.74 5.42 -14.35
C GLN A 106 -16.75 5.81 -15.83
N VAL A 107 -15.58 5.80 -16.45
CA VAL A 107 -15.47 6.12 -17.88
C VAL A 107 -16.23 5.08 -18.70
N VAL A 108 -16.06 3.80 -18.37
CA VAL A 108 -16.78 2.73 -19.05
C VAL A 108 -18.29 2.88 -18.84
N LYS A 109 -18.67 3.24 -17.62
CA LYS A 109 -20.07 3.54 -17.26
C LYS A 109 -20.63 4.68 -18.11
N ALA A 110 -19.90 5.80 -18.15
CA ALA A 110 -20.28 6.96 -18.96
C ALA A 110 -20.46 6.63 -20.44
N LEU A 111 -19.56 5.83 -21.00
CA LEU A 111 -19.67 5.40 -22.39
C LEU A 111 -20.97 4.64 -22.66
N ASN A 112 -21.41 3.85 -21.68
CA ASN A 112 -22.67 3.11 -21.80
C ASN A 112 -23.84 4.04 -22.11
N GLU A 113 -23.78 5.25 -21.59
CA GLU A 113 -24.86 6.22 -21.74
C GLU A 113 -24.84 6.96 -23.07
N SER A 114 -23.84 6.67 -23.91
CA SER A 114 -23.76 7.30 -25.23
C SER A 114 -24.29 6.42 -26.34
N TYR A 115 -24.77 5.23 -26.00
CA TYR A 115 -25.26 4.31 -27.02
C TYR A 115 -26.51 4.87 -27.69
N ILE A 116 -26.71 4.51 -28.96
CA ILE A 116 -27.89 4.91 -29.71
C ILE A 116 -28.79 3.71 -29.94
N ASP A 117 -30.04 3.82 -29.55
CA ASP A 117 -30.99 2.70 -29.69
C ASP A 117 -31.21 2.36 -31.16
N ASN B 3 27.37 -5.07 44.00
CA ASN B 3 27.82 -4.06 43.01
C ASN B 3 28.14 -4.57 41.60
N GLN B 4 29.00 -5.54 41.43
CA GLN B 4 29.02 -6.24 40.15
C GLN B 4 27.66 -6.94 39.84
N LYS B 5 27.07 -7.54 40.84
CA LYS B 5 25.76 -8.17 40.88
C LYS B 5 24.72 -7.08 40.63
N LEU B 6 24.95 -5.91 41.23
CA LEU B 6 24.03 -4.79 41.10
C LEU B 6 24.07 -4.18 39.70
N ILE B 7 25.27 -4.10 39.12
CA ILE B 7 25.43 -3.61 37.75
C ILE B 7 24.69 -4.53 36.78
N ALA B 8 24.89 -5.84 36.93
CA ALA B 8 24.24 -6.82 36.07
C ALA B 8 22.71 -6.82 36.23
N ASN B 9 22.25 -6.60 37.47
CA ASN B 9 20.82 -6.53 37.75
C ASN B 9 20.16 -5.34 37.08
N LYS B 10 20.77 -4.17 37.22
CA LYS B 10 20.22 -2.96 36.63
C LYS B 10 20.29 -2.99 35.09
N PHE B 11 21.36 -3.58 34.57
CA PHE B 11 21.51 -3.75 33.12
C PHE B 11 20.40 -4.64 32.56
N ASN B 12 20.20 -5.82 33.15
CA ASN B 12 19.08 -6.68 32.75
C ASN B 12 17.73 -5.97 32.86
N GLN B 13 17.60 -5.17 33.91
CA GLN B 13 16.35 -4.45 34.15
C GLN B 13 16.14 -3.42 33.05
N ALA B 14 17.19 -2.68 32.72
CA ALA B 14 17.13 -1.72 31.61
C ALA B 14 16.83 -2.41 30.28
N LEU B 15 17.43 -3.57 30.04
CA LEU B 15 17.19 -4.31 28.79
C LEU B 15 15.71 -4.62 28.62
N GLY B 16 15.06 -5.00 29.72
CA GLY B 16 13.63 -5.28 29.68
C GLY B 16 12.84 -4.05 29.29
N ALA B 17 13.23 -2.90 29.83
CA ALA B 17 12.58 -1.64 29.50
C ALA B 17 12.80 -1.31 28.03
N MET B 18 14.03 -1.52 27.53
CA MET B 18 14.36 -1.26 26.13
CA MET B 18 14.31 -1.20 26.13
C MET B 18 13.50 -2.07 25.18
N GLN B 19 13.34 -3.35 25.53
CA GLN B 19 12.60 -4.27 24.66
C GLN B 19 11.15 -3.87 24.60
N THR B 20 10.60 -3.51 25.76
CA THR B 20 9.22 -3.04 25.78
C THR B 20 9.04 -1.79 24.93
N GLY B 21 9.97 -0.86 25.03
CA GLY B 21 9.87 0.39 24.29
C GLY B 21 9.86 0.20 22.77
N PHE B 22 10.75 -0.65 22.27
CA PHE B 22 10.79 -0.92 20.83
C PHE B 22 9.62 -1.78 20.34
N THR B 23 9.18 -2.72 21.18
CA THR B 23 8.00 -3.50 20.85
C THR B 23 6.78 -2.60 20.73
N THR B 24 6.65 -1.68 21.69
CA THR B 24 5.53 -0.74 21.73
C THR B 24 5.60 0.23 20.55
N THR B 25 6.80 0.73 20.27
CA THR B 25 7.00 1.59 19.11
C THR B 25 6.59 0.88 17.81
N ASN B 26 6.98 -0.38 17.69
CA ASN B 26 6.62 -1.17 16.50
C ASN B 26 5.11 -1.34 16.34
N GLU B 27 4.43 -1.62 17.45
CA GLU B 27 2.97 -1.75 17.44
C GLU B 27 2.29 -0.43 17.04
N ALA B 28 2.84 0.68 17.52
CA ALA B 28 2.29 1.99 17.18
C ALA B 28 2.47 2.28 15.70
N PHE B 29 3.64 1.94 15.16
CA PHE B 29 3.88 2.20 13.74
C PHE B 29 2.92 1.41 12.87
N GLN B 30 2.61 0.17 13.30
CA GLN B 30 1.66 -0.66 12.55
C GLN B 30 0.31 0.02 12.48
N LYS B 31 -0.15 0.54 13.61
CA LYS B 31 -1.41 1.25 13.64
C LYS B 31 -1.40 2.53 12.80
N VAL B 32 -0.28 3.25 12.83
CA VAL B 32 -0.16 4.49 12.06
C VAL B 32 -0.25 4.16 10.57
N GLN B 33 0.44 3.08 10.18
CA GLN B 33 0.44 2.68 8.78
C GLN B 33 -0.97 2.36 8.32
N ASP B 34 -1.69 1.61 9.15
CA ASP B 34 -3.04 1.17 8.80
C ASP B 34 -3.96 2.37 8.65
N ALA B 35 -3.88 3.30 9.59
CA ALA B 35 -4.79 4.45 9.59
C ALA B 35 -4.52 5.38 8.41
N VAL B 36 -3.24 5.70 8.19
CA VAL B 36 -2.87 6.56 7.08
C VAL B 36 -3.28 5.94 5.74
N ASN B 37 -3.02 4.65 5.56
CA ASN B 37 -3.39 3.99 4.30
C ASN B 37 -4.89 3.88 4.09
N ASN B 38 -5.62 3.59 5.16
CA ASN B 38 -7.09 3.53 5.06
C ASN B 38 -7.64 4.89 4.63
N ASN B 39 -7.10 5.94 5.22
CA ASN B 39 -7.60 7.28 4.94
C ASN B 39 -7.14 7.82 3.59
N ALA B 40 -6.01 7.32 3.11
CA ALA B 40 -5.54 7.64 1.75
C ALA B 40 -6.48 7.00 0.73
N GLN B 41 -6.88 5.78 0.98
CA GLN B 41 -7.75 5.08 0.04
C GLN B 41 -9.13 5.72 0.07
N ALA B 42 -9.57 6.14 1.25
CA ALA B 42 -10.88 6.81 1.35
C ALA B 42 -10.88 8.12 0.57
N LEU B 43 -9.75 8.83 0.61
CA LEU B 43 -9.58 10.07 -0.12
C LEU B 43 -9.63 9.82 -1.63
N SER B 44 -8.91 8.79 -2.08
CA SER B 44 -8.89 8.46 -3.50
C SER B 44 -10.28 8.11 -3.99
N LYS B 45 -11.01 7.36 -3.18
CA LYS B 45 -12.36 6.95 -3.52
C LYS B 45 -13.27 8.16 -3.63
N LEU B 46 -13.17 9.07 -2.66
CA LEU B 46 -14.02 10.28 -2.65
C LEU B 46 -13.72 11.11 -3.90
N ALA B 47 -12.44 11.23 -4.23
CA ALA B 47 -12.01 12.01 -5.38
C ALA B 47 -12.64 11.50 -6.68
N SER B 48 -12.79 10.19 -6.81
CA SER B 48 -13.34 9.60 -8.02
C SER B 48 -14.84 9.86 -8.14
N GLU B 49 -15.46 10.30 -7.04
CA GLU B 49 -16.93 10.45 -6.98
C GLU B 49 -17.49 11.84 -7.34
N GLN B 89 -8.55 14.34 -9.63
CA GLN B 89 -7.17 14.14 -10.11
C GLN B 89 -6.06 14.54 -9.07
N ILE B 90 -5.28 13.57 -8.64
CA ILE B 90 -4.94 13.47 -7.25
C ILE B 90 -3.79 12.53 -6.90
N ASN B 91 -2.93 13.04 -6.05
CA ASN B 91 -1.69 12.35 -5.72
C ASN B 91 -1.59 11.98 -4.24
N THR B 92 -2.19 10.85 -3.86
CA THR B 92 -2.04 10.35 -2.51
C THR B 92 -0.90 9.35 -2.44
N THR B 93 -0.34 9.16 -1.25
CA THR B 93 0.75 8.21 -1.08
C THR B 93 0.43 7.26 0.05
N LEU B 94 0.89 6.02 -0.09
CA LEU B 94 0.68 5.03 0.92
C LEU B 94 1.92 4.95 1.76
N LEU B 95 1.75 4.51 2.99
CA LEU B 95 2.85 4.30 3.89
C LEU B 95 3.24 2.84 3.81
N ASP B 96 4.53 2.58 3.68
CA ASP B 96 4.98 1.22 3.86
C ASP B 96 6.19 1.17 4.78
N LEU B 97 6.00 0.56 5.94
CA LEU B 97 7.01 0.56 6.97
C LEU B 97 7.44 -0.87 7.20
N THR B 98 7.32 -1.70 6.17
CA THR B 98 7.67 -3.11 6.30
C THR B 98 9.10 -3.27 6.80
N TYR B 99 10.03 -2.54 6.19
CA TYR B 99 11.43 -2.68 6.57
C TYR B 99 11.64 -2.26 8.03
N GLU B 100 11.09 -1.12 8.38
CA GLU B 100 11.28 -0.55 9.72
C GLU B 100 10.67 -1.43 10.82
N MET B 101 9.50 -1.97 10.56
CA MET B 101 8.82 -2.81 11.55
C MET B 101 9.57 -4.13 11.74
N LEU B 102 10.05 -4.70 10.65
CA LEU B 102 10.85 -5.93 10.78
C LEU B 102 12.17 -5.63 11.49
N SER B 103 12.73 -4.47 11.24
N SER B 103 12.73 -4.46 11.25
CA SER B 103 13.99 -4.08 11.87
CA SER B 103 13.99 -4.06 11.88
C SER B 103 13.83 -3.88 13.37
C SER B 103 13.81 -3.90 13.38
N LEU B 104 12.70 -3.30 13.78
CA LEU B 104 12.42 -3.12 15.20
C LEU B 104 12.27 -4.46 15.89
N GLN B 105 11.61 -5.39 15.20
CA GLN B 105 11.49 -6.76 15.71
C GLN B 105 12.86 -7.41 15.90
N GLN B 106 13.76 -7.20 14.95
CA GLN B 106 15.12 -7.72 15.08
C GLN B 106 15.87 -7.06 16.23
N VAL B 107 15.57 -5.79 16.46
CA VAL B 107 16.22 -5.05 17.54
C VAL B 107 15.82 -5.65 18.88
N VAL B 108 14.53 -5.92 19.06
CA VAL B 108 14.05 -6.55 20.29
C VAL B 108 14.69 -7.94 20.48
N LYS B 109 14.82 -8.69 19.39
CA LYS B 109 15.46 -10.00 19.43
C LYS B 109 16.95 -9.90 19.81
N ALA B 110 17.65 -8.94 19.21
CA ALA B 110 19.05 -8.69 19.54
C ALA B 110 19.26 -8.35 21.02
N LEU B 111 18.38 -7.52 21.57
CA LEU B 111 18.45 -7.15 22.98
C LEU B 111 18.36 -8.38 23.89
N ASN B 112 17.50 -9.32 23.51
CA ASN B 112 17.35 -10.57 24.27
C ASN B 112 18.68 -11.27 24.49
N GLU B 113 19.52 -11.20 23.47
CA GLU B 113 20.81 -11.88 23.46
C GLU B 113 21.88 -11.15 24.28
N SER B 114 21.52 -10.00 24.85
CA SER B 114 22.44 -9.24 25.69
C SER B 114 22.19 -9.40 27.20
N TYR B 115 21.22 -10.24 27.57
CA TYR B 115 20.92 -10.44 28.97
C TYR B 115 22.08 -11.14 29.68
N ILE B 116 22.16 -10.94 30.99
CA ILE B 116 23.17 -11.61 31.82
C ILE B 116 22.50 -12.57 32.78
N ASP B 117 22.99 -13.81 32.83
CA ASP B 117 22.39 -14.83 33.69
C ASP B 117 22.73 -14.61 35.16
#